data_4N5Q
#
_entry.id   4N5Q
#
_cell.length_a   61.518
_cell.length_b   78.557
_cell.length_c   82.975
_cell.angle_alpha   90.00
_cell.angle_beta   93.30
_cell.angle_gamma   90.00
#
_symmetry.space_group_name_H-M   'P 1 21 1'
#
loop_
_entity.id
_entity.type
_entity.pdbx_description
1 polymer 'Transient receptor potential cation channel subfamily V member 3'
2 water water
#
_entity_poly.entity_id   1
_entity_poly.type   'polypeptide(L)'
_entity_poly.pdbx_seq_one_letter_code
;MRLKKRIFAAVSEGCVEELRELLQDLQDLCRRRRGLDVPDFLMHKLTASDTGKTCLMKALLNINPNTKEIVRILLAFAEE
NDILDRFINAEYTEEAYEGQTALNIAIERRQGDITAVLIAAGADVNAHAKGVFFNPKYQHEGFYFGETPLALAACTNQPE
IVQLLMENEQTDITSQDSRGNNILHALVTVAEDFKTQNDFVKRMYDMILLRSGNWELETMRNNDGLTPLQLAAKMGKAEI
LKYILSREIKEHHHHHH
;
_entity_poly.pdbx_strand_id   A,B
#
# COMPACT_ATOMS: atom_id res chain seq x y z
N MET A 1 25.61 -2.87 0.29
CA MET A 1 24.96 -4.10 0.74
C MET A 1 23.98 -4.72 -0.28
N ARG A 2 23.88 -6.05 -0.30
CA ARG A 2 22.86 -6.76 -1.07
C ARG A 2 22.34 -7.98 -0.30
N LEU A 3 22.40 -7.91 1.02
CA LEU A 3 21.94 -8.99 1.88
C LEU A 3 20.52 -9.45 1.55
N LYS A 4 19.61 -8.50 1.41
CA LYS A 4 18.22 -8.87 1.12
C LYS A 4 18.08 -9.65 -0.18
N LYS A 5 18.69 -9.16 -1.24
CA LYS A 5 18.66 -9.90 -2.51
C LYS A 5 19.32 -11.30 -2.41
N ARG A 6 20.43 -11.39 -1.69
CA ARG A 6 21.06 -12.71 -1.46
C ARG A 6 20.14 -13.68 -0.73
N ILE A 7 19.38 -13.17 0.24
CA ILE A 7 18.51 -14.04 1.00
C ILE A 7 17.37 -14.52 0.09
N PHE A 8 16.80 -13.62 -0.70
CA PHE A 8 15.76 -14.08 -1.66
C PHE A 8 16.31 -15.07 -2.68
N ALA A 9 17.52 -14.83 -3.17
CA ALA A 9 18.15 -15.81 -4.07
C ALA A 9 18.32 -17.17 -3.38
N ALA A 10 18.86 -17.16 -2.16
CA ALA A 10 19.07 -18.43 -1.44
C ALA A 10 17.78 -19.22 -1.23
N VAL A 11 16.71 -18.57 -0.77
CA VAL A 11 15.50 -19.37 -0.55
C VAL A 11 14.89 -19.88 -1.86
N SER A 12 15.10 -19.13 -2.93
CA SER A 12 14.55 -19.51 -4.21
C SER A 12 15.26 -20.74 -4.82
N GLU A 13 16.59 -20.79 -4.75
CA GLU A 13 17.35 -21.94 -5.26
C GLU A 13 17.35 -23.11 -4.27
N GLY A 14 17.15 -22.79 -2.99
CA GLY A 14 17.21 -23.81 -1.96
C GLY A 14 18.61 -23.98 -1.40
N CYS A 15 19.33 -22.88 -1.20
CA CYS A 15 20.69 -22.98 -0.65
C CYS A 15 20.68 -22.83 0.87
N VAL A 16 20.53 -23.97 1.53
CA VAL A 16 20.27 -24.01 2.95
C VAL A 16 21.44 -23.48 3.75
N GLU A 17 22.63 -23.91 3.34
CA GLU A 17 23.89 -23.49 3.93
C GLU A 17 24.10 -21.99 3.80
N GLU A 18 23.82 -21.43 2.63
CA GLU A 18 24.05 -20.01 2.42
C GLU A 18 23.02 -19.22 3.25
N LEU A 19 21.79 -19.73 3.30
CA LEU A 19 20.74 -19.03 4.02
C LEU A 19 21.10 -18.91 5.52
N ARG A 20 21.60 -19.99 6.11
CA ARG A 20 21.96 -19.95 7.53
C ARG A 20 23.01 -18.85 7.74
N GLU A 21 24.02 -18.82 6.88
CA GLU A 21 25.08 -17.82 6.99
C GLU A 21 24.54 -16.41 6.80
N LEU A 22 23.67 -16.22 5.81
CA LEU A 22 23.11 -14.90 5.56
C LEU A 22 22.25 -14.44 6.76
N LEU A 23 21.57 -15.38 7.42
CA LEU A 23 20.65 -14.93 8.47
C LEU A 23 21.49 -14.60 9.71
N GLN A 24 22.66 -15.24 9.84
CA GLN A 24 23.57 -14.87 10.93
C GLN A 24 24.09 -13.45 10.66
N ASP A 25 24.35 -13.16 9.38
CA ASP A 25 24.80 -11.83 9.02
C ASP A 25 23.71 -10.80 9.34
N LEU A 26 22.48 -11.17 9.10
CA LEU A 26 21.34 -10.26 9.30
C LEU A 26 21.16 -10.02 10.81
N GLN A 27 21.24 -11.08 11.61
CA GLN A 27 21.23 -10.93 13.07
C GLN A 27 22.30 -9.96 13.55
N ASP A 28 23.53 -10.12 13.04
CA ASP A 28 24.64 -9.27 13.44
C ASP A 28 24.35 -7.79 13.12
N LEU A 29 23.69 -7.56 12.00
CA LEU A 29 23.40 -6.23 11.54
C LEU A 29 22.41 -5.47 12.48
N CYS A 30 21.52 -6.21 13.14
CA CYS A 30 20.56 -5.62 14.06
C CYS A 30 21.16 -4.69 15.10
N ARG A 31 22.42 -4.92 15.48
CA ARG A 31 23.04 -4.13 16.54
C ARG A 31 23.35 -2.72 16.07
N ARG A 32 23.51 -2.55 14.76
CA ARG A 32 23.98 -1.27 14.23
C ARG A 32 22.90 -0.20 14.19
N ARG A 33 23.31 1.08 14.20
CA ARG A 33 22.33 2.16 14.11
C ARG A 33 21.35 1.88 12.96
N ARG A 34 20.07 2.07 13.22
CA ARG A 34 19.06 1.96 12.16
C ARG A 34 17.93 2.93 12.48
N GLY A 35 17.09 3.20 11.48
CA GLY A 35 15.98 4.11 11.66
C GLY A 35 14.71 3.38 12.07
N LEU A 36 14.77 2.06 12.26
CA LEU A 36 13.60 1.27 12.66
C LEU A 36 13.90 0.41 13.88
N ASP A 37 12.86 -0.05 14.56
CA ASP A 37 13.06 -1.00 15.64
C ASP A 37 13.39 -2.37 15.05
N VAL A 38 13.87 -3.31 15.87
CA VAL A 38 14.34 -4.59 15.33
C VAL A 38 13.25 -5.32 14.52
N PRO A 39 12.02 -5.46 15.08
CA PRO A 39 11.06 -6.17 14.23
C PRO A 39 10.77 -5.47 12.88
N ASP A 40 10.61 -4.15 12.84
CA ASP A 40 10.36 -3.48 11.54
C ASP A 40 11.59 -3.63 10.61
N PHE A 41 12.77 -3.49 11.20
CA PHE A 41 14.05 -3.68 10.47
C PHE A 41 14.12 -5.06 9.81
N LEU A 42 13.85 -6.09 10.60
CA LEU A 42 13.92 -7.45 10.03
C LEU A 42 12.84 -7.68 8.98
N MET A 43 11.61 -7.26 9.27
CA MET A 43 10.54 -7.47 8.29
C MET A 43 10.86 -6.77 6.95
N HIS A 44 11.45 -5.58 7.01
CA HIS A 44 11.84 -4.89 5.75
C HIS A 44 12.92 -5.70 5.01
N LYS A 45 13.91 -6.21 5.75
CA LYS A 45 14.97 -6.99 5.12
C LYS A 45 14.41 -8.26 4.52
N LEU A 46 13.31 -8.75 5.06
CA LEU A 46 12.78 -10.06 4.64
C LEU A 46 11.58 -9.93 3.69
N THR A 47 11.26 -8.70 3.28
CA THR A 47 10.03 -8.50 2.49
C THR A 47 10.35 -7.62 1.30
N ALA A 48 9.96 -8.04 0.10
CA ALA A 48 10.09 -7.16 -1.07
C ALA A 48 9.19 -5.94 -0.87
N SER A 49 9.73 -4.73 -1.01
CA SER A 49 8.96 -3.59 -0.53
C SER A 49 7.97 -3.22 -1.61
N ASP A 50 8.31 -3.67 -2.81
CA ASP A 50 7.57 -3.60 -4.04
C ASP A 50 6.14 -4.17 -3.96
N THR A 51 6.13 -5.47 -3.69
CA THR A 51 4.96 -6.31 -3.87
C THR A 51 4.48 -6.80 -2.53
N GLY A 52 5.35 -6.74 -1.51
CA GLY A 52 5.00 -7.30 -0.21
C GLY A 52 5.34 -8.77 -0.08
N LYS A 53 5.94 -9.35 -1.11
CA LYS A 53 6.31 -10.78 -1.06
C LYS A 53 7.42 -11.00 -0.03
N THR A 54 7.19 -11.90 0.94
CA THR A 54 8.24 -12.22 1.91
C THR A 54 9.12 -13.34 1.39
N CYS A 55 10.26 -13.58 2.04
CA CYS A 55 11.09 -14.68 1.62
C CYS A 55 10.42 -16.04 1.94
N LEU A 56 9.49 -16.05 2.90
CA LEU A 56 8.72 -17.31 3.11
C LEU A 56 7.83 -17.57 1.88
N MET A 57 7.17 -16.53 1.38
CA MET A 57 6.34 -16.71 0.18
C MET A 57 7.25 -17.08 -1.00
N LYS A 58 8.38 -16.40 -1.11
CA LYS A 58 9.31 -16.72 -2.20
C LYS A 58 9.75 -18.20 -2.15
N ALA A 59 10.03 -18.70 -0.94
CA ALA A 59 10.36 -20.12 -0.76
C ALA A 59 9.24 -21.07 -1.28
N LEU A 60 7.99 -20.77 -0.91
CA LEU A 60 6.86 -21.64 -1.27
C LEU A 60 6.49 -21.50 -2.74
N LEU A 61 6.88 -20.39 -3.34
CA LEU A 61 6.59 -20.22 -4.77
C LEU A 61 7.63 -20.91 -5.64
N ASN A 62 8.73 -21.36 -5.02
CA ASN A 62 9.82 -22.00 -5.77
C ASN A 62 10.23 -23.36 -5.18
N ILE A 63 9.30 -24.31 -5.21
CA ILE A 63 9.45 -25.60 -4.54
C ILE A 63 10.65 -26.33 -5.13
N ASN A 64 11.50 -26.89 -4.28
CA ASN A 64 12.70 -27.64 -4.71
C ASN A 64 12.97 -28.68 -3.60
N PRO A 65 13.93 -29.58 -3.79
CA PRO A 65 14.08 -30.59 -2.74
C PRO A 65 14.47 -30.05 -1.37
N ASN A 66 14.92 -28.80 -1.26
CA ASN A 66 15.31 -28.24 0.05
C ASN A 66 14.28 -27.29 0.70
N THR A 67 13.11 -27.14 0.07
CA THR A 67 12.12 -26.19 0.54
C THR A 67 11.66 -26.41 2.00
N LYS A 68 11.38 -27.65 2.37
CA LYS A 68 10.92 -27.86 3.74
C LYS A 68 11.97 -27.39 4.76
N GLU A 69 13.24 -27.69 4.51
CA GLU A 69 14.28 -27.23 5.41
C GLU A 69 14.40 -25.70 5.37
N ILE A 70 14.27 -25.10 4.21
CA ILE A 70 14.42 -23.66 4.19
C ILE A 70 13.24 -23.00 4.93
N VAL A 71 12.04 -23.55 4.78
CA VAL A 71 10.90 -23.04 5.55
C VAL A 71 11.15 -23.16 7.07
N ARG A 72 11.72 -24.29 7.50
CA ARG A 72 12.00 -24.47 8.94
C ARG A 72 12.95 -23.38 9.45
N ILE A 73 13.99 -23.10 8.66
CA ILE A 73 14.98 -22.10 9.02
C ILE A 73 14.34 -20.72 9.11
N LEU A 74 13.53 -20.35 8.11
CA LEU A 74 12.90 -19.03 8.14
C LEU A 74 12.01 -18.85 9.35
N LEU A 75 11.22 -19.88 9.69
CA LEU A 75 10.30 -19.74 10.81
C LEU A 75 11.06 -19.67 12.12
N ALA A 76 12.17 -20.41 12.19
CA ALA A 76 12.99 -20.42 13.40
C ALA A 76 13.58 -19.03 13.60
N PHE A 77 14.00 -18.45 12.49
CA PHE A 77 14.61 -17.12 12.56
C PHE A 77 13.59 -16.07 13.02
N ALA A 78 12.41 -16.09 12.40
CA ALA A 78 11.33 -15.21 12.85
C ALA A 78 10.97 -15.42 14.32
N GLU A 79 10.90 -16.68 14.75
CA GLU A 79 10.51 -16.97 16.12
C GLU A 79 11.61 -16.49 17.06
N GLU A 80 12.86 -16.68 16.67
CA GLU A 80 13.97 -16.25 17.53
C GLU A 80 13.89 -14.75 17.75
N ASN A 81 13.37 -14.04 16.76
CA ASN A 81 13.29 -12.59 16.86
C ASN A 81 11.89 -12.06 17.18
N ASP A 82 11.03 -12.94 17.67
CA ASP A 82 9.72 -12.53 18.16
C ASP A 82 8.85 -11.91 17.07
N ILE A 83 9.06 -12.29 15.81
CA ILE A 83 8.15 -11.78 14.76
C ILE A 83 7.48 -12.91 14.00
N LEU A 84 7.37 -14.08 14.64
CA LEU A 84 6.81 -15.26 13.95
C LEU A 84 5.40 -14.98 13.40
N ASP A 85 4.53 -14.44 14.23
CA ASP A 85 3.15 -14.24 13.78
C ASP A 85 3.12 -13.20 12.65
N ARG A 86 3.81 -12.09 12.86
CA ARG A 86 3.83 -11.04 11.83
C ARG A 86 4.39 -11.57 10.50
N PHE A 87 5.41 -12.42 10.59
CA PHE A 87 6.11 -12.91 9.40
C PHE A 87 5.25 -13.92 8.67
N ILE A 88 4.66 -14.86 9.40
CA ILE A 88 3.94 -15.90 8.74
C ILE A 88 2.61 -15.41 8.17
N ASN A 89 2.06 -14.34 8.77
CA ASN A 89 0.77 -13.80 8.34
C ASN A 89 0.90 -12.58 7.46
N ALA A 90 2.11 -12.33 6.95
CA ALA A 90 2.24 -11.16 6.09
C ALA A 90 1.39 -11.37 4.82
N GLU A 91 0.97 -10.28 4.18
CA GLU A 91 0.14 -10.38 2.98
C GLU A 91 0.77 -9.66 1.83
N TYR A 92 0.57 -10.15 0.60
CA TYR A 92 0.92 -9.37 -0.59
C TYR A 92 0.30 -7.98 -0.57
N THR A 93 1.04 -6.96 -1.02
CA THR A 93 0.48 -5.61 -0.98
C THR A 93 0.13 -5.15 -2.39
N GLU A 94 0.70 -5.82 -3.39
CA GLU A 94 0.46 -5.44 -4.79
C GLU A 94 -1.00 -5.71 -5.11
N GLU A 95 -1.68 -4.72 -5.66
CA GLU A 95 -3.16 -4.71 -5.71
C GLU A 95 -3.75 -5.98 -6.33
N ALA A 96 -3.19 -6.41 -7.46
CA ALA A 96 -3.75 -7.57 -8.17
C ALA A 96 -3.78 -8.84 -7.30
N TYR A 97 -2.76 -8.99 -6.46
CA TYR A 97 -2.55 -10.20 -5.64
C TYR A 97 -2.85 -9.92 -4.20
N GLU A 98 -3.60 -8.84 -3.96
CA GLU A 98 -3.86 -8.40 -2.59
C GLU A 98 -4.45 -9.45 -1.61
N GLY A 99 -3.75 -9.62 -0.47
CA GLY A 99 -4.28 -10.46 0.59
C GLY A 99 -3.74 -11.87 0.57
N GLN A 100 -3.00 -12.24 -0.48
CA GLN A 100 -2.48 -13.61 -0.60
C GLN A 100 -1.45 -13.79 0.46
N THR A 101 -1.40 -14.99 1.04
CA THR A 101 -0.51 -15.26 2.14
C THR A 101 0.35 -16.47 1.84
N ALA A 102 1.37 -16.73 2.66
CA ALA A 102 2.12 -18.00 2.58
C ALA A 102 1.18 -19.19 2.66
N LEU A 103 0.22 -19.18 3.59
CA LEU A 103 -0.63 -20.37 3.75
C LEU A 103 -1.43 -20.66 2.45
N ASN A 104 -1.94 -19.61 1.79
CA ASN A 104 -2.69 -19.87 0.54
C ASN A 104 -1.76 -20.44 -0.53
N ILE A 105 -0.53 -19.96 -0.57
CA ILE A 105 0.42 -20.42 -1.60
C ILE A 105 0.67 -21.90 -1.35
N ALA A 106 0.87 -22.30 -0.09
CA ALA A 106 1.21 -23.70 0.18
C ALA A 106 0.03 -24.59 -0.14
N ILE A 107 -1.17 -24.14 0.22
CA ILE A 107 -2.35 -24.98 -0.10
C ILE A 107 -2.54 -25.09 -1.61
N GLU A 108 -2.49 -23.96 -2.34
CA GLU A 108 -2.76 -24.04 -3.78
C GLU A 108 -1.69 -24.93 -4.40
N ARG A 109 -0.50 -24.92 -3.84
CA ARG A 109 0.59 -25.74 -4.41
C ARG A 109 0.58 -27.18 -3.88
N ARG A 110 -0.43 -27.48 -3.08
CA ARG A 110 -0.72 -28.84 -2.58
C ARG A 110 0.41 -29.35 -1.66
N GLN A 111 1.01 -28.45 -0.89
CA GLN A 111 2.06 -28.81 0.05
C GLN A 111 1.45 -29.08 1.43
N GLY A 112 0.84 -30.26 1.60
CA GLY A 112 0.15 -30.56 2.85
C GLY A 112 1.02 -30.60 4.12
N ASP A 113 2.22 -31.17 4.01
CA ASP A 113 3.12 -31.22 5.16
C ASP A 113 3.52 -29.82 5.60
N ILE A 114 3.95 -29.00 4.65
CA ILE A 114 4.27 -27.62 5.00
C ILE A 114 3.07 -26.89 5.53
N THR A 115 1.90 -27.11 4.90
CA THR A 115 0.68 -26.48 5.39
C THR A 115 0.42 -26.79 6.87
N ALA A 116 0.60 -28.05 7.27
CA ALA A 116 0.33 -28.40 8.68
C ALA A 116 1.27 -27.62 9.58
N VAL A 117 2.53 -27.47 9.16
CA VAL A 117 3.53 -26.80 10.01
C VAL A 117 3.19 -25.31 10.06
N LEU A 118 2.85 -24.72 8.92
CA LEU A 118 2.49 -23.29 8.91
C LEU A 118 1.33 -23.02 9.87
N ILE A 119 0.32 -23.89 9.85
CA ILE A 119 -0.85 -23.67 10.73
C ILE A 119 -0.44 -23.77 12.21
N ALA A 120 0.33 -24.81 12.55
CA ALA A 120 0.74 -24.99 13.96
C ALA A 120 1.61 -23.85 14.45
N ALA A 121 2.39 -23.29 13.54
CA ALA A 121 3.33 -22.20 13.82
C ALA A 121 2.59 -20.86 13.88
N GLY A 122 1.31 -20.85 13.51
CA GLY A 122 0.42 -19.71 13.79
C GLY A 122 -0.20 -19.02 12.56
N ALA A 123 -0.19 -19.67 11.40
CA ALA A 123 -0.82 -19.04 10.23
C ALA A 123 -2.34 -18.91 10.47
N ASP A 124 -2.91 -17.77 10.11
CA ASP A 124 -4.30 -17.47 10.38
C ASP A 124 -5.19 -18.35 9.50
N VAL A 125 -5.89 -19.30 10.11
CA VAL A 125 -6.72 -20.24 9.33
C VAL A 125 -8.00 -19.58 8.80
N ASN A 126 -8.27 -18.34 9.19
CA ASN A 126 -9.46 -17.63 8.68
C ASN A 126 -9.13 -16.48 7.69
N ALA A 127 -7.88 -16.35 7.29
CA ALA A 127 -7.49 -15.24 6.42
C ALA A 127 -8.14 -15.35 5.02
N HIS A 128 -8.64 -14.24 4.49
CA HIS A 128 -9.37 -14.20 3.21
C HIS A 128 -8.47 -13.34 2.26
N ALA A 129 -8.20 -13.83 1.06
CA ALA A 129 -7.61 -12.93 0.06
C ALA A 129 -8.70 -12.62 -1.01
N LYS A 130 -8.76 -11.39 -1.47
CA LYS A 130 -9.59 -11.14 -2.64
C LYS A 130 -8.79 -10.79 -3.93
N GLY A 131 -7.47 -10.77 -3.85
CA GLY A 131 -6.69 -10.69 -5.08
C GLY A 131 -6.56 -12.07 -5.69
N VAL A 132 -5.97 -12.14 -6.90
CA VAL A 132 -5.75 -13.44 -7.53
C VAL A 132 -4.50 -14.12 -6.98
N PHE A 133 -4.30 -15.39 -7.28
CA PHE A 133 -3.05 -16.06 -6.84
C PHE A 133 -1.86 -15.42 -7.59
N PHE A 134 -0.72 -15.36 -6.91
CA PHE A 134 0.51 -15.03 -7.64
C PHE A 134 1.17 -16.32 -8.15
N ASN A 135 1.51 -16.36 -9.42
CA ASN A 135 2.12 -17.54 -10.06
C ASN A 135 1.58 -18.91 -9.59
N PRO A 136 0.24 -19.13 -9.64
CA PRO A 136 -0.25 -20.42 -9.12
C PRO A 136 0.27 -21.58 -9.94
N LYS A 137 0.29 -22.76 -9.34
CA LYS A 137 0.87 -23.92 -10.01
C LYS A 137 -0.21 -24.70 -10.74
N TYR A 138 -1.38 -24.82 -10.12
CA TYR A 138 -2.42 -25.74 -10.62
C TYR A 138 -3.71 -25.02 -11.04
N GLN A 139 -4.11 -24.01 -10.27
CA GLN A 139 -5.39 -23.34 -10.52
C GLN A 139 -5.20 -22.13 -11.42
N HIS A 140 -6.25 -21.76 -12.13
CA HIS A 140 -6.23 -20.48 -12.82
C HIS A 140 -6.08 -19.41 -11.75
N GLU A 141 -5.37 -18.34 -12.11
CA GLU A 141 -5.15 -17.18 -11.22
C GLU A 141 -6.40 -16.70 -10.46
N GLY A 142 -7.48 -16.52 -11.21
CA GLY A 142 -8.70 -15.94 -10.66
C GLY A 142 -9.67 -17.01 -10.18
N PHE A 143 -9.17 -18.21 -9.92
CA PHE A 143 -10.00 -19.32 -9.44
C PHE A 143 -10.79 -18.82 -8.20
N TYR A 144 -12.12 -19.01 -8.25
CA TYR A 144 -12.99 -18.71 -7.09
C TYR A 144 -13.14 -19.96 -6.23
N PHE A 145 -12.86 -19.82 -4.94
CA PHE A 145 -12.95 -20.94 -4.01
C PHE A 145 -13.59 -20.56 -2.68
N GLY A 146 -14.32 -19.46 -2.58
CA GLY A 146 -14.94 -19.09 -1.32
C GLY A 146 -14.00 -18.38 -0.35
N GLU A 147 -12.77 -18.05 -0.78
CA GLU A 147 -11.95 -17.04 -0.11
C GLU A 147 -11.57 -17.42 1.32
N THR A 148 -11.41 -18.71 1.62
CA THR A 148 -10.86 -19.13 2.93
C THR A 148 -9.95 -20.27 2.68
N PRO A 149 -8.97 -20.48 3.59
CA PRO A 149 -8.13 -21.68 3.50
C PRO A 149 -8.94 -22.97 3.53
N LEU A 150 -9.94 -23.08 4.40
CA LEU A 150 -10.75 -24.30 4.43
C LEU A 150 -11.42 -24.53 3.10
N ALA A 151 -12.06 -23.49 2.56
CA ALA A 151 -12.75 -23.62 1.27
C ALA A 151 -11.77 -23.84 0.11
N LEU A 152 -10.56 -23.30 0.22
CA LEU A 152 -9.56 -23.51 -0.84
C LEU A 152 -9.16 -25.00 -0.88
N ALA A 153 -8.93 -25.57 0.30
CA ALA A 153 -8.53 -26.99 0.41
C ALA A 153 -9.67 -27.89 -0.10
N ALA A 154 -10.90 -27.56 0.26
CA ALA A 154 -12.06 -28.35 -0.22
C ALA A 154 -12.27 -28.27 -1.71
N CYS A 155 -12.19 -27.07 -2.26
CA CYS A 155 -12.51 -26.88 -3.69
C CYS A 155 -11.41 -27.41 -4.58
N THR A 156 -10.24 -27.70 -4.00
CA THR A 156 -9.10 -28.22 -4.80
C THR A 156 -8.88 -29.72 -4.52
N ASN A 157 -9.85 -30.31 -3.82
CA ASN A 157 -9.83 -31.74 -3.49
C ASN A 157 -8.63 -32.13 -2.63
N GLN A 158 -8.47 -31.47 -1.48
CA GLN A 158 -7.41 -31.83 -0.55
C GLN A 158 -8.04 -32.16 0.81
N PRO A 159 -8.71 -33.32 0.89
CA PRO A 159 -9.48 -33.59 2.10
C PRO A 159 -8.62 -33.74 3.36
N GLU A 160 -7.34 -34.07 3.27
CA GLU A 160 -6.55 -34.19 4.51
C GLU A 160 -6.34 -32.83 5.11
N ILE A 161 -6.20 -31.82 4.25
CA ILE A 161 -6.04 -30.47 4.74
C ILE A 161 -7.38 -29.97 5.28
N VAL A 162 -8.47 -30.27 4.59
CA VAL A 162 -9.79 -29.91 5.10
C VAL A 162 -9.97 -30.52 6.48
N GLN A 163 -9.63 -31.80 6.64
CA GLN A 163 -9.79 -32.44 7.96
C GLN A 163 -8.93 -31.82 9.04
N LEU A 164 -7.69 -31.49 8.71
CA LEU A 164 -6.79 -30.83 9.66
C LEU A 164 -7.35 -29.50 10.11
N LEU A 165 -7.88 -28.73 9.15
CA LEU A 165 -8.48 -27.43 9.53
C LEU A 165 -9.75 -27.58 10.34
N MET A 166 -10.59 -28.56 10.01
CA MET A 166 -11.82 -28.76 10.82
C MET A 166 -11.55 -29.23 12.25
N GLU A 167 -10.40 -29.84 12.48
CA GLU A 167 -10.04 -30.27 13.83
C GLU A 167 -9.50 -29.11 14.61
N ASN A 168 -9.18 -28.04 13.92
CA ASN A 168 -8.62 -26.86 14.59
C ASN A 168 -9.81 -26.00 15.00
N GLU A 169 -9.99 -25.78 16.29
CA GLU A 169 -11.15 -25.01 16.77
C GLU A 169 -11.06 -23.50 16.51
N GLN A 170 -9.92 -23.03 16.03
CA GLN A 170 -9.82 -21.64 15.56
C GLN A 170 -10.55 -21.45 14.21
N THR A 171 -10.70 -22.52 13.44
CA THR A 171 -11.30 -22.37 12.11
C THR A 171 -12.79 -22.03 12.24
N ASP A 172 -13.24 -21.01 11.51
CA ASP A 172 -14.65 -20.62 11.45
C ASP A 172 -15.25 -21.36 10.28
N ILE A 173 -15.81 -22.53 10.54
CA ILE A 173 -16.34 -23.38 9.46
C ILE A 173 -17.56 -22.76 8.75
N THR A 174 -18.35 -21.95 9.47
CA THR A 174 -19.58 -21.38 8.88
C THR A 174 -19.36 -19.98 8.30
N SER A 175 -18.09 -19.54 8.22
CA SER A 175 -17.70 -18.25 7.62
C SER A 175 -18.35 -18.03 6.23
N GLN A 176 -18.77 -16.81 5.92
CA GLN A 176 -19.31 -16.51 4.60
C GLN A 176 -18.44 -15.42 4.01
N ASP A 177 -18.19 -15.49 2.70
CA ASP A 177 -17.22 -14.59 2.11
C ASP A 177 -17.88 -13.34 1.55
N SER A 178 -17.18 -12.65 0.65
CA SER A 178 -17.68 -11.37 0.16
C SER A 178 -18.95 -11.56 -0.68
N ARG A 179 -19.28 -12.80 -1.04
CA ARG A 179 -20.54 -13.04 -1.78
C ARG A 179 -21.59 -13.56 -0.82
N GLY A 180 -21.22 -13.72 0.46
CA GLY A 180 -22.11 -14.33 1.42
C GLY A 180 -22.07 -15.85 1.32
N ASN A 181 -21.11 -16.36 0.55
CA ASN A 181 -21.02 -17.79 0.31
C ASN A 181 -20.23 -18.48 1.43
N ASN A 182 -20.74 -19.62 1.88
CA ASN A 182 -20.00 -20.42 2.82
C ASN A 182 -19.34 -21.53 2.02
N ILE A 183 -18.65 -22.44 2.69
CA ILE A 183 -17.87 -23.44 1.98
C ILE A 183 -18.77 -24.33 1.07
N LEU A 184 -20.03 -24.51 1.44
CA LEU A 184 -20.89 -25.36 0.59
C LEU A 184 -21.34 -24.61 -0.65
N HIS A 185 -21.58 -23.31 -0.52
CA HIS A 185 -21.91 -22.50 -1.71
C HIS A 185 -20.69 -22.58 -2.67
N ALA A 186 -19.50 -22.49 -2.09
CA ALA A 186 -18.26 -22.51 -2.88
C ALA A 186 -18.14 -23.84 -3.64
N LEU A 187 -18.34 -24.94 -2.93
CA LEU A 187 -18.40 -26.26 -3.59
C LEU A 187 -19.44 -26.34 -4.71
N VAL A 188 -20.61 -25.74 -4.48
CA VAL A 188 -21.61 -25.70 -5.57
C VAL A 188 -21.02 -25.00 -6.81
N THR A 189 -20.29 -23.92 -6.62
CA THR A 189 -19.78 -23.22 -7.81
C THR A 189 -18.74 -24.05 -8.55
N VAL A 190 -18.04 -24.91 -7.82
CA VAL A 190 -17.00 -25.76 -8.44
C VAL A 190 -17.55 -27.05 -9.04
N ALA A 191 -18.78 -27.41 -8.69
CA ALA A 191 -19.31 -28.68 -9.18
C ALA A 191 -19.48 -28.56 -10.70
N GLU A 192 -19.47 -29.67 -11.41
CA GLU A 192 -20.05 -29.64 -12.76
C GLU A 192 -20.64 -30.97 -13.21
N ASP A 193 -21.53 -30.91 -14.20
CA ASP A 193 -22.23 -32.12 -14.66
C ASP A 193 -21.34 -32.98 -15.60
N PHE A 194 -20.31 -33.60 -15.01
CA PHE A 194 -19.27 -34.33 -15.75
C PHE A 194 -19.34 -35.84 -15.52
N LYS A 195 -18.23 -36.36 -14.99
CA LYS A 195 -18.06 -37.78 -14.63
C LYS A 195 -16.68 -38.02 -14.04
N THR A 196 -15.73 -37.13 -14.36
CA THR A 196 -14.34 -37.21 -13.90
C THR A 196 -14.15 -36.60 -12.52
N GLN A 197 -15.05 -35.70 -12.15
CA GLN A 197 -15.05 -35.07 -10.83
C GLN A 197 -16.28 -35.51 -10.08
N ASN A 198 -17.24 -36.09 -10.82
CA ASN A 198 -18.58 -36.45 -10.31
C ASN A 198 -18.53 -37.36 -9.11
N ASP A 199 -17.63 -36.99 -8.21
CA ASP A 199 -17.28 -37.77 -7.06
C ASP A 199 -16.79 -36.74 -6.08
N PHE A 200 -15.62 -36.12 -6.36
CA PHE A 200 -14.92 -35.40 -5.28
C PHE A 200 -15.79 -34.34 -4.64
N VAL A 201 -16.43 -33.48 -5.44
CA VAL A 201 -17.26 -32.45 -4.83
C VAL A 201 -18.39 -32.97 -3.93
N LYS A 202 -19.15 -33.96 -4.36
CA LYS A 202 -20.18 -34.42 -3.45
C LYS A 202 -19.64 -35.18 -2.23
N ARG A 203 -18.47 -35.80 -2.39
CA ARG A 203 -17.87 -36.50 -1.28
C ARG A 203 -17.36 -35.51 -0.28
N MET A 204 -16.83 -34.40 -0.77
CA MET A 204 -16.30 -33.35 0.08
C MET A 204 -17.45 -32.71 0.84
N TYR A 205 -18.54 -32.47 0.13
CA TYR A 205 -19.75 -31.88 0.70
C TYR A 205 -20.23 -32.72 1.85
N ASP A 206 -20.39 -34.02 1.59
CA ASP A 206 -20.80 -34.96 2.64
C ASP A 206 -19.80 -35.03 3.80
N MET A 207 -18.50 -35.08 3.50
CA MET A 207 -17.47 -35.21 4.57
C MET A 207 -17.44 -33.97 5.49
N ILE A 208 -17.54 -32.80 4.90
CA ILE A 208 -17.56 -31.56 5.66
C ILE A 208 -18.77 -31.53 6.60
N LEU A 209 -19.95 -31.88 6.09
CA LEU A 209 -21.14 -31.84 6.96
C LEU A 209 -21.06 -32.90 8.05
N LEU A 210 -20.61 -34.09 7.65
CA LEU A 210 -20.57 -35.21 8.59
C LEU A 210 -19.56 -34.90 9.68
N ARG A 211 -18.36 -34.50 9.30
CA ARG A 211 -17.32 -34.27 10.29
C ARG A 211 -17.54 -33.01 11.12
N SER A 212 -18.00 -31.92 10.50
CA SER A 212 -18.22 -30.70 11.26
C SER A 212 -19.43 -30.80 12.16
N GLY A 213 -20.49 -31.43 11.67
CA GLY A 213 -21.75 -31.40 12.39
C GLY A 213 -22.42 -30.04 12.16
N ASN A 214 -21.86 -29.20 11.27
CA ASN A 214 -22.42 -27.86 11.05
C ASN A 214 -23.51 -27.87 10.01
N TRP A 215 -24.62 -28.51 10.35
CA TRP A 215 -25.74 -28.69 9.46
C TRP A 215 -26.29 -27.38 8.94
N GLU A 216 -26.14 -26.32 9.76
CA GLU A 216 -26.65 -25.00 9.36
C GLU A 216 -25.98 -24.46 8.10
N LEU A 217 -24.84 -25.04 7.72
CA LEU A 217 -24.23 -24.64 6.45
C LEU A 217 -25.27 -24.75 5.32
N GLU A 218 -26.15 -25.76 5.42
CA GLU A 218 -27.12 -26.01 4.33
C GLU A 218 -28.25 -25.01 4.29
N THR A 219 -28.43 -24.23 5.35
CA THR A 219 -29.64 -23.40 5.39
C THR A 219 -29.26 -21.93 5.39
N MET A 220 -27.97 -21.64 5.47
CA MET A 220 -27.55 -20.24 5.52
C MET A 220 -27.54 -19.65 4.13
N ARG A 221 -27.86 -18.36 4.00
CA ARG A 221 -28.12 -17.74 2.68
C ARG A 221 -27.01 -16.80 2.28
N ASN A 222 -26.63 -16.79 0.99
CA ASN A 222 -25.60 -15.86 0.53
C ASN A 222 -26.16 -14.45 0.30
N ASN A 223 -25.38 -13.54 -0.29
CA ASN A 223 -25.88 -12.19 -0.48
C ASN A 223 -27.08 -12.11 -1.44
N ASP A 224 -27.27 -13.12 -2.28
CA ASP A 224 -28.48 -13.10 -3.13
C ASP A 224 -29.64 -13.83 -2.46
N GLY A 225 -29.48 -14.14 -1.17
CA GLY A 225 -30.54 -14.77 -0.40
C GLY A 225 -30.69 -16.26 -0.64
N LEU A 226 -29.65 -16.88 -1.21
CA LEU A 226 -29.71 -18.25 -1.70
C LEU A 226 -28.97 -19.23 -0.75
N THR A 227 -29.63 -20.32 -0.39
CA THR A 227 -28.97 -21.45 0.26
C THR A 227 -28.11 -22.15 -0.79
N PRO A 228 -27.25 -23.07 -0.35
CA PRO A 228 -26.45 -23.77 -1.36
C PRO A 228 -27.31 -24.52 -2.36
N LEU A 229 -28.40 -25.15 -1.93
CA LEU A 229 -29.31 -25.80 -2.86
C LEU A 229 -29.88 -24.79 -3.88
N GLN A 230 -30.25 -23.61 -3.41
CA GLN A 230 -30.92 -22.65 -4.29
C GLN A 230 -29.89 -22.10 -5.25
N LEU A 231 -28.63 -22.01 -4.80
CA LEU A 231 -27.54 -21.53 -5.66
C LEU A 231 -27.33 -22.53 -6.80
N ALA A 232 -27.39 -23.81 -6.48
CA ALA A 232 -27.26 -24.84 -7.51
C ALA A 232 -28.41 -24.74 -8.52
N ALA A 233 -29.60 -24.45 -8.03
CA ALA A 233 -30.76 -24.29 -8.92
C ALA A 233 -30.60 -23.05 -9.77
N LYS A 234 -30.15 -21.95 -9.15
CA LYS A 234 -29.93 -20.72 -9.91
C LYS A 234 -28.89 -20.95 -11.01
N MET A 235 -27.81 -21.66 -10.68
CA MET A 235 -26.77 -21.97 -11.66
C MET A 235 -27.14 -23.07 -12.65
N GLY A 236 -28.27 -23.72 -12.43
CA GLY A 236 -28.72 -24.74 -13.36
C GLY A 236 -27.80 -25.95 -13.35
N LYS A 237 -27.23 -26.27 -12.19
CA LYS A 237 -26.38 -27.46 -11.99
C LYS A 237 -27.13 -28.68 -11.47
N ALA A 238 -27.82 -29.37 -12.38
CA ALA A 238 -28.68 -30.53 -12.10
C ALA A 238 -28.03 -31.58 -11.20
N GLU A 239 -26.78 -31.94 -11.46
CA GLU A 239 -26.22 -33.06 -10.70
C GLU A 239 -25.94 -32.78 -9.24
N ILE A 240 -25.32 -31.65 -8.91
CA ILE A 240 -25.03 -31.36 -7.50
C ILE A 240 -26.36 -31.04 -6.81
N LEU A 241 -27.29 -30.44 -7.56
CA LEU A 241 -28.63 -30.19 -7.03
C LEU A 241 -29.32 -31.51 -6.65
N LYS A 242 -29.32 -32.48 -7.56
CA LYS A 242 -29.94 -33.78 -7.21
C LYS A 242 -29.18 -34.44 -6.04
N TYR A 243 -27.86 -34.22 -5.95
CA TYR A 243 -27.11 -34.78 -4.84
C TYR A 243 -27.61 -34.18 -3.52
N ILE A 244 -27.68 -32.85 -3.47
CA ILE A 244 -28.13 -32.14 -2.27
C ILE A 244 -29.53 -32.55 -1.88
N LEU A 245 -30.41 -32.73 -2.86
CA LEU A 245 -31.78 -33.14 -2.56
C LEU A 245 -31.78 -34.53 -1.93
N SER A 246 -30.90 -35.40 -2.44
CA SER A 246 -30.87 -36.80 -2.01
C SER A 246 -30.61 -36.84 -0.52
N ARG A 247 -29.99 -35.79 0.00
CA ARG A 247 -29.64 -35.75 1.41
C ARG A 247 -30.88 -35.73 2.29
N GLU A 248 -32.02 -35.36 1.71
CA GLU A 248 -33.27 -35.27 2.45
C GLU A 248 -33.82 -36.59 2.98
N ILE A 249 -33.38 -37.72 2.42
CA ILE A 249 -33.98 -39.01 2.81
C ILE A 249 -32.99 -40.10 3.23
N MET B 1 25.67 -2.62 -13.61
CA MET B 1 24.71 -1.53 -13.53
C MET B 1 25.45 -0.23 -13.22
N ARG B 2 25.11 0.86 -13.94
CA ARG B 2 25.69 2.18 -13.69
C ARG B 2 25.27 2.79 -12.39
N LEU B 3 26.11 3.69 -11.90
CA LEU B 3 25.92 4.25 -10.56
C LEU B 3 24.57 4.94 -10.39
N LYS B 4 24.24 5.82 -11.33
CA LYS B 4 22.99 6.55 -11.22
C LYS B 4 21.77 5.62 -11.10
N LYS B 5 21.73 4.59 -11.91
CA LYS B 5 20.60 3.66 -11.86
C LYS B 5 20.61 2.84 -10.59
N ARG B 6 21.80 2.51 -10.07
CA ARG B 6 21.87 1.87 -8.76
C ARG B 6 21.29 2.77 -7.65
N ILE B 7 21.56 4.07 -7.74
CA ILE B 7 21.05 5.00 -6.72
C ILE B 7 19.54 5.06 -6.80
N PHE B 8 18.98 5.14 -8.00
CA PHE B 8 17.52 5.23 -8.09
C PHE B 8 16.90 3.92 -7.61
N ALA B 9 17.57 2.79 -7.86
CA ALA B 9 17.00 1.50 -7.41
C ALA B 9 17.05 1.44 -5.86
N ALA B 10 18.16 1.92 -5.27
CA ALA B 10 18.30 1.88 -3.80
C ALA B 10 17.25 2.74 -3.10
N VAL B 11 17.02 3.95 -3.61
CA VAL B 11 16.03 4.81 -2.95
C VAL B 11 14.65 4.25 -3.12
N SER B 12 14.37 3.53 -4.21
CA SER B 12 12.98 3.07 -4.35
C SER B 12 12.72 1.80 -3.60
N GLU B 13 13.76 0.95 -3.46
CA GLU B 13 13.63 -0.27 -2.68
C GLU B 13 13.75 0.03 -1.19
N GLY B 14 14.37 1.16 -0.85
CA GLY B 14 14.61 1.51 0.55
C GLY B 14 15.84 0.81 1.14
N CYS B 15 16.94 0.71 0.36
CA CYS B 15 18.16 0.04 0.82
CA CYS B 15 18.14 0.03 0.90
C CYS B 15 19.13 1.09 1.37
N VAL B 16 19.03 1.38 2.66
CA VAL B 16 19.77 2.51 3.18
C VAL B 16 21.26 2.19 3.21
N GLU B 17 21.60 0.93 3.51
CA GLU B 17 23.02 0.54 3.54
C GLU B 17 23.65 0.75 2.17
N GLU B 18 22.97 0.26 1.15
CA GLU B 18 23.50 0.39 -0.22
C GLU B 18 23.55 1.85 -0.68
N LEU B 19 22.56 2.65 -0.32
CA LEU B 19 22.59 4.05 -0.70
C LEU B 19 23.80 4.80 -0.10
N ARG B 20 24.11 4.52 1.16
CA ARG B 20 25.25 5.20 1.76
C ARG B 20 26.55 4.82 1.02
N GLU B 21 26.68 3.55 0.62
CA GLU B 21 27.90 3.16 -0.09
C GLU B 21 27.95 3.81 -1.48
N LEU B 22 26.80 3.91 -2.14
CA LEU B 22 26.75 4.50 -3.50
C LEU B 22 27.07 6.01 -3.44
N LEU B 23 26.57 6.68 -2.39
CA LEU B 23 26.82 8.12 -2.21
C LEU B 23 28.30 8.33 -1.92
N GLN B 24 28.93 7.36 -1.27
CA GLN B 24 30.39 7.45 -1.04
C GLN B 24 31.11 7.32 -2.38
N ASP B 25 30.65 6.41 -3.22
CA ASP B 25 31.19 6.30 -4.60
C ASP B 25 31.03 7.60 -5.37
N LEU B 26 29.87 8.22 -5.20
CA LEU B 26 29.60 9.45 -5.92
C LEU B 26 30.51 10.57 -5.43
N GLN B 27 30.67 10.68 -4.12
CA GLN B 27 31.60 11.67 -3.56
C GLN B 27 33.01 11.48 -4.15
N ASP B 28 33.49 10.24 -4.16
CA ASP B 28 34.82 9.95 -4.73
C ASP B 28 34.98 10.44 -6.18
N LEU B 29 33.94 10.28 -6.99
CA LEU B 29 34.02 10.74 -8.37
C LEU B 29 34.18 12.25 -8.46
N CYS B 30 33.58 12.98 -7.52
CA CYS B 30 33.65 14.43 -7.52
C CYS B 30 35.04 14.92 -7.34
N ARG B 31 35.89 14.10 -6.71
CA ARG B 31 37.28 14.51 -6.53
C ARG B 31 37.97 14.80 -7.86
N ARG B 32 37.44 14.25 -8.96
CA ARG B 32 38.08 14.49 -10.26
C ARG B 32 37.57 15.71 -11.07
N ARG B 33 36.90 16.66 -10.41
CA ARG B 33 36.17 17.74 -11.13
C ARG B 33 36.39 19.19 -10.58
N ARG B 34 36.32 19.28 -9.25
CA ARG B 34 36.01 20.50 -8.45
C ARG B 34 35.83 21.92 -9.07
N GLY B 35 34.64 22.51 -8.87
CA GLY B 35 34.48 23.96 -8.95
C GLY B 35 33.43 24.70 -9.80
N LEU B 36 32.15 24.35 -9.63
CA LEU B 36 30.97 24.81 -10.41
C LEU B 36 30.56 23.59 -11.19
N ASP B 37 31.60 22.89 -11.66
CA ASP B 37 31.40 21.61 -12.27
C ASP B 37 30.87 20.62 -11.23
N VAL B 38 31.31 20.69 -9.97
CA VAL B 38 30.83 19.69 -8.97
C VAL B 38 29.31 19.70 -8.77
N PRO B 39 28.73 20.87 -8.45
CA PRO B 39 27.26 20.88 -8.29
C PRO B 39 26.51 20.37 -9.52
N ASP B 40 26.88 20.81 -10.72
CA ASP B 40 26.23 20.30 -11.90
C ASP B 40 26.44 18.81 -12.07
N PHE B 41 27.67 18.34 -11.87
CA PHE B 41 27.92 16.91 -11.94
C PHE B 41 27.05 16.15 -10.93
N LEU B 42 27.03 16.54 -9.66
CA LEU B 42 26.20 15.85 -8.67
C LEU B 42 24.73 15.86 -9.08
N MET B 43 24.21 17.01 -9.50
CA MET B 43 22.80 17.07 -9.87
C MET B 43 22.54 16.16 -11.07
N HIS B 44 23.51 16.09 -11.99
CA HIS B 44 23.37 15.19 -13.13
C HIS B 44 23.26 13.74 -12.64
N LYS B 45 24.12 13.35 -11.68
CA LYS B 45 24.11 11.94 -11.22
C LYS B 45 22.91 11.64 -10.36
N LEU B 46 22.26 12.70 -9.86
CA LEU B 46 21.14 12.52 -8.92
C LEU B 46 19.73 12.75 -9.51
N THR B 47 19.67 12.98 -10.82
CA THR B 47 18.47 13.41 -11.55
C THR B 47 18.34 12.66 -12.86
N ALA B 48 17.14 12.12 -13.12
CA ALA B 48 16.91 11.45 -14.41
C ALA B 48 17.01 12.49 -15.53
N SER B 49 17.73 12.17 -16.61
CA SER B 49 18.07 13.17 -17.65
C SER B 49 16.84 13.42 -18.49
N ASP B 50 16.01 12.40 -18.49
CA ASP B 50 14.71 12.28 -19.16
C ASP B 50 13.67 13.32 -18.73
N THR B 51 13.33 13.27 -17.45
CA THR B 51 12.14 13.86 -16.92
C THR B 51 12.46 14.91 -15.87
N GLY B 52 13.69 14.88 -15.35
CA GLY B 52 14.06 15.79 -14.28
C GLY B 52 13.72 15.24 -12.93
N LYS B 53 13.28 13.98 -12.90
CA LYS B 53 12.97 13.39 -11.60
C LYS B 53 14.22 13.19 -10.75
N THR B 54 14.32 13.82 -9.57
CA THR B 54 15.51 13.54 -8.74
C THR B 54 15.35 12.21 -7.96
N CYS B 55 16.44 11.69 -7.41
CA CYS B 55 16.30 10.53 -6.54
C CYS B 55 15.52 10.84 -5.23
N LEU B 56 15.43 12.12 -4.83
CA LEU B 56 14.50 12.47 -3.73
C LEU B 56 13.05 12.26 -4.17
N MET B 57 12.70 12.76 -5.35
CA MET B 57 11.35 12.51 -5.87
C MET B 57 11.11 11.02 -6.04
N LYS B 58 12.11 10.30 -6.58
CA LYS B 58 11.99 8.84 -6.72
C LYS B 58 11.72 8.14 -5.37
N ALA B 59 12.42 8.56 -4.31
CA ALA B 59 12.20 8.01 -2.98
C ALA B 59 10.74 8.21 -2.56
N LEU B 60 10.26 9.43 -2.74
CA LEU B 60 8.95 9.80 -2.24
C LEU B 60 7.84 9.14 -3.09
N LEU B 61 8.16 8.73 -4.30
CA LEU B 61 7.15 8.10 -5.15
C LEU B 61 7.10 6.59 -4.88
N ASN B 62 7.98 6.09 -4.01
CA ASN B 62 7.98 4.65 -3.73
C ASN B 62 8.08 4.40 -2.23
N ILE B 63 7.02 4.77 -1.51
CA ILE B 63 7.07 4.77 -0.05
C ILE B 63 7.32 3.37 0.45
N ASN B 64 8.23 3.24 1.40
CA ASN B 64 8.53 1.92 1.95
C ASN B 64 8.99 2.15 3.39
N PRO B 65 9.22 1.06 4.14
CA PRO B 65 9.53 1.30 5.57
C PRO B 65 10.76 2.22 5.81
N ASN B 66 11.64 2.34 4.83
CA ASN B 66 12.92 3.06 5.05
C ASN B 66 12.87 4.45 4.41
N THR B 67 11.74 4.83 3.84
CA THR B 67 11.72 6.11 3.09
C THR B 67 12.11 7.35 3.90
N LYS B 68 11.65 7.44 5.16
CA LYS B 68 12.06 8.60 5.93
C LYS B 68 13.59 8.66 6.09
N GLU B 69 14.21 7.54 6.40
CA GLU B 69 15.67 7.53 6.55
C GLU B 69 16.34 7.80 5.18
N ILE B 70 15.76 7.27 4.10
CA ILE B 70 16.36 7.51 2.75
C ILE B 70 16.36 8.99 2.45
N VAL B 71 15.26 9.65 2.78
CA VAL B 71 15.15 11.11 2.58
C VAL B 71 16.17 11.86 3.44
N ARG B 72 16.32 11.45 4.70
CA ARG B 72 17.32 12.09 5.55
C ARG B 72 18.72 11.95 4.95
N ILE B 73 19.06 10.74 4.50
CA ILE B 73 20.37 10.55 3.86
C ILE B 73 20.59 11.50 2.67
N LEU B 74 19.60 11.59 1.78
CA LEU B 74 19.77 12.43 0.60
C LEU B 74 19.90 13.91 0.96
N LEU B 75 19.09 14.41 1.90
CA LEU B 75 19.21 15.83 2.27
C LEU B 75 20.57 16.07 2.90
N ALA B 76 21.05 15.13 3.70
CA ALA B 76 22.33 15.33 4.37
C ALA B 76 23.43 15.43 3.31
N PHE B 77 23.34 14.54 2.33
CA PHE B 77 24.41 14.44 1.29
C PHE B 77 24.37 15.77 0.51
N ALA B 78 23.15 16.25 0.23
CA ALA B 78 23.01 17.46 -0.60
C ALA B 78 23.60 18.61 0.16
N GLU B 79 23.30 18.65 1.46
CA GLU B 79 23.79 19.73 2.32
C GLU B 79 25.31 19.65 2.46
N GLU B 80 25.85 18.45 2.62
CA GLU B 80 27.32 18.29 2.74
C GLU B 80 28.00 18.86 1.48
N ASN B 81 27.30 18.79 0.36
CA ASN B 81 27.87 19.27 -0.90
C ASN B 81 27.38 20.64 -1.37
N ASP B 82 26.74 21.38 -0.47
CA ASP B 82 26.34 22.77 -0.72
C ASP B 82 25.35 22.88 -1.89
N ILE B 83 24.53 21.84 -2.08
CA ILE B 83 23.45 21.92 -3.08
C ILE B 83 22.05 21.66 -2.51
N LEU B 84 21.89 21.82 -1.20
CA LEU B 84 20.58 21.49 -0.57
C LEU B 84 19.39 22.18 -1.25
N ASP B 85 19.52 23.47 -1.48
CA ASP B 85 18.42 24.25 -2.06
C ASP B 85 18.12 23.82 -3.50
N ARG B 86 19.17 23.68 -4.29
CA ARG B 86 19.02 23.29 -5.66
C ARG B 86 18.41 21.90 -5.73
N PHE B 87 18.87 21.03 -4.86
CA PHE B 87 18.39 19.65 -4.85
C PHE B 87 16.91 19.52 -4.39
N ILE B 88 16.58 20.15 -3.27
CA ILE B 88 15.28 19.94 -2.66
C ILE B 88 14.17 20.65 -3.49
N ASN B 89 14.56 21.70 -4.20
CA ASN B 89 13.61 22.50 -4.99
C ASN B 89 13.66 22.22 -6.48
N ALA B 90 14.27 21.12 -6.85
CA ALA B 90 14.35 20.77 -8.26
C ALA B 90 12.94 20.50 -8.74
N GLU B 91 12.67 20.77 -10.02
CA GLU B 91 11.35 20.47 -10.58
C GLU B 91 11.45 19.49 -11.75
N TYR B 92 10.40 18.69 -11.94
CA TYR B 92 10.20 18.01 -13.21
C TYR B 92 10.35 18.89 -14.42
N THR B 93 10.97 18.36 -15.48
CA THR B 93 11.14 19.12 -16.69
C THR B 93 10.22 18.62 -17.80
N GLU B 94 9.63 17.44 -17.63
CA GLU B 94 8.69 16.99 -18.66
C GLU B 94 7.44 17.87 -18.56
N GLU B 95 7.10 18.48 -19.68
CA GLU B 95 6.05 19.50 -19.75
C GLU B 95 4.72 19.11 -19.08
N ALA B 96 4.38 17.82 -19.12
CA ALA B 96 3.12 17.34 -18.57
C ALA B 96 3.07 17.47 -17.04
N TYR B 97 4.21 17.26 -16.43
CA TYR B 97 4.33 17.20 -14.98
C TYR B 97 5.04 18.44 -14.49
N GLU B 98 5.09 19.46 -15.33
CA GLU B 98 5.99 20.57 -15.11
C GLU B 98 5.64 21.36 -13.86
N GLY B 99 6.66 21.66 -13.05
CA GLY B 99 6.45 22.42 -11.83
C GLY B 99 6.35 21.54 -10.58
N GLN B 100 6.32 20.22 -10.79
CA GLN B 100 6.05 19.29 -9.70
C GLN B 100 7.35 19.21 -8.92
N THR B 101 7.26 19.15 -7.60
CA THR B 101 8.42 19.19 -6.72
C THR B 101 8.28 18.08 -5.71
N ALA B 102 9.38 17.82 -5.02
CA ALA B 102 9.36 16.82 -3.99
C ALA B 102 8.31 17.13 -2.91
N LEU B 103 8.22 18.38 -2.50
CA LEU B 103 7.26 18.74 -1.44
C LEU B 103 5.82 18.40 -1.90
N ASN B 104 5.49 18.66 -3.16
CA ASN B 104 4.13 18.31 -3.63
C ASN B 104 3.91 16.81 -3.60
N ILE B 105 4.94 16.05 -3.96
CA ILE B 105 4.79 14.60 -3.98
C ILE B 105 4.56 14.10 -2.57
N ALA B 106 5.28 14.66 -1.62
CA ALA B 106 5.20 14.24 -0.23
C ALA B 106 3.81 14.57 0.33
N ILE B 107 3.29 15.72 -0.03
CA ILE B 107 1.97 16.12 0.50
C ILE B 107 0.90 15.23 -0.14
N GLU B 108 0.97 15.06 -1.46
CA GLU B 108 -0.07 14.25 -2.14
C GLU B 108 -0.11 12.82 -1.56
N ARG B 109 1.06 12.34 -1.16
CA ARG B 109 1.13 10.97 -0.64
C ARG B 109 0.91 10.96 0.88
N ARG B 110 0.48 12.09 1.43
CA ARG B 110 0.07 12.15 2.85
C ARG B 110 1.25 11.86 3.81
N GLN B 111 2.45 12.32 3.45
CA GLN B 111 3.66 12.09 4.29
C GLN B 111 3.98 13.29 5.19
N GLY B 112 3.20 13.45 6.27
CA GLY B 112 3.31 14.58 7.19
C GLY B 112 4.69 14.76 7.84
N ASP B 113 5.26 13.70 8.37
CA ASP B 113 6.62 13.75 8.96
C ASP B 113 7.72 14.22 7.98
N ILE B 114 7.76 13.59 6.83
CA ILE B 114 8.76 13.98 5.82
C ILE B 114 8.52 15.42 5.36
N THR B 115 7.25 15.78 5.23
CA THR B 115 6.93 17.14 4.81
C THR B 115 7.49 18.12 5.80
N ALA B 116 7.40 17.81 7.11
CA ALA B 116 7.93 18.81 8.09
C ALA B 116 9.44 19.03 7.90
N VAL B 117 10.14 17.95 7.68
CA VAL B 117 11.60 18.01 7.49
C VAL B 117 11.91 18.70 6.16
N LEU B 118 11.15 18.42 5.09
CA LEU B 118 11.40 19.10 3.81
C LEU B 118 11.24 20.62 3.98
N ILE B 119 10.17 21.05 4.67
CA ILE B 119 9.95 22.46 4.88
C ILE B 119 11.09 23.06 5.70
N ALA B 120 11.51 22.33 6.73
CA ALA B 120 12.56 22.87 7.62
C ALA B 120 13.91 22.91 6.86
N ALA B 121 14.08 22.02 5.88
CA ALA B 121 15.31 21.97 5.09
C ALA B 121 15.32 23.01 3.94
N GLY B 122 14.21 23.73 3.75
CA GLY B 122 14.19 24.82 2.77
C GLY B 122 13.38 24.57 1.50
N ALA B 123 12.53 23.54 1.50
CA ALA B 123 11.61 23.34 0.38
C ALA B 123 10.78 24.65 0.19
N ASP B 124 10.56 25.03 -1.08
CA ASP B 124 9.81 26.25 -1.40
C ASP B 124 8.35 26.05 -1.05
N VAL B 125 7.90 26.74 -0.01
CA VAL B 125 6.55 26.53 0.49
C VAL B 125 5.54 27.24 -0.43
N ASN B 126 6.04 28.04 -1.37
CA ASN B 126 5.15 28.77 -2.29
C ASN B 126 5.23 28.24 -3.75
N ALA B 127 5.81 27.06 -3.95
CA ALA B 127 6.00 26.52 -5.31
C ALA B 127 4.67 26.17 -5.97
N HIS B 128 4.36 26.83 -7.07
CA HIS B 128 3.12 26.61 -7.82
C HIS B 128 3.36 25.50 -8.87
N ALA B 129 2.56 24.46 -8.82
CA ALA B 129 2.63 23.43 -9.87
C ALA B 129 1.32 23.49 -10.66
N LYS B 130 1.45 23.64 -11.98
CA LYS B 130 0.25 23.70 -12.83
C LYS B 130 0.12 22.39 -13.60
N GLY B 131 1.27 21.80 -13.93
CA GLY B 131 1.35 20.47 -14.53
C GLY B 131 0.64 19.44 -13.67
N VAL B 132 0.44 18.23 -14.18
CA VAL B 132 -0.29 17.22 -13.41
C VAL B 132 0.66 16.44 -12.48
N PHE B 133 0.10 15.73 -11.50
CA PHE B 133 0.97 14.93 -10.62
C PHE B 133 1.57 13.77 -11.41
N PHE B 134 2.78 13.36 -11.06
CA PHE B 134 3.29 12.11 -11.61
C PHE B 134 2.94 10.95 -10.67
N ASN B 135 2.34 9.88 -11.20
CA ASN B 135 1.94 8.71 -10.41
C ASN B 135 1.37 9.07 -9.03
N PRO B 136 0.31 9.87 -9.00
CA PRO B 136 -0.24 10.21 -7.69
C PRO B 136 -0.85 9.00 -7.06
N LYS B 137 -0.85 8.97 -5.72
CA LYS B 137 -1.28 7.79 -4.98
C LYS B 137 -2.77 7.85 -4.67
N TYR B 138 -3.28 9.04 -4.34
CA TYR B 138 -4.66 9.15 -3.90
C TYR B 138 -5.49 10.07 -4.80
N GLN B 139 -4.88 11.05 -5.43
CA GLN B 139 -5.68 12.06 -6.16
C GLN B 139 -5.67 11.71 -7.65
N HIS B 140 -6.67 12.17 -8.40
CA HIS B 140 -6.55 12.08 -9.86
C HIS B 140 -5.38 12.98 -10.32
N GLU B 141 -4.65 12.58 -11.36
CA GLU B 141 -3.45 13.35 -11.73
C GLU B 141 -3.73 14.83 -12.01
N GLY B 142 -4.89 15.10 -12.62
CA GLY B 142 -5.27 16.45 -13.02
C GLY B 142 -6.08 17.18 -11.96
N PHE B 143 -6.09 16.61 -10.75
CA PHE B 143 -6.80 17.22 -9.61
C PHE B 143 -6.46 18.70 -9.48
N TYR B 144 -7.51 19.53 -9.39
CA TYR B 144 -7.30 20.96 -9.16
C TYR B 144 -7.34 21.25 -7.69
N PHE B 145 -6.35 21.99 -7.20
CA PHE B 145 -6.30 22.25 -5.76
C PHE B 145 -5.75 23.64 -5.42
N GLY B 146 -5.75 24.56 -6.38
CA GLY B 146 -5.32 25.91 -6.02
C GLY B 146 -3.81 26.08 -6.17
N GLU B 147 -3.17 25.04 -6.69
CA GLU B 147 -1.79 25.13 -7.20
C GLU B 147 -0.68 25.20 -6.14
N THR B 148 -1.00 25.56 -4.90
CA THR B 148 0.08 25.78 -3.92
C THR B 148 0.15 24.60 -2.95
N PRO B 149 1.29 24.47 -2.23
CA PRO B 149 1.39 23.42 -1.22
C PRO B 149 0.36 23.60 -0.11
N LEU B 150 0.14 24.83 0.36
CA LEU B 150 -0.89 25.04 1.38
C LEU B 150 -2.27 24.58 0.88
N ALA B 151 -2.63 24.99 -0.33
CA ALA B 151 -3.97 24.61 -0.81
C ALA B 151 -4.08 23.12 -1.12
N LEU B 152 -2.96 22.49 -1.51
CA LEU B 152 -2.98 21.04 -1.71
C LEU B 152 -3.29 20.32 -0.41
N ALA B 153 -2.64 20.76 0.67
CA ALA B 153 -2.89 20.13 1.97
C ALA B 153 -4.34 20.36 2.41
N ALA B 154 -4.84 21.57 2.20
CA ALA B 154 -6.20 21.87 2.65
C ALA B 154 -7.26 21.06 1.87
N CYS B 155 -7.12 21.03 0.54
CA CYS B 155 -8.09 20.39 -0.34
C CYS B 155 -8.08 18.87 -0.26
N THR B 156 -7.01 18.31 0.31
CA THR B 156 -6.95 16.85 0.48
C THR B 156 -7.19 16.48 1.94
N ASN B 157 -7.78 17.41 2.70
CA ASN B 157 -8.09 17.13 4.11
C ASN B 157 -6.86 16.69 4.94
N GLN B 158 -5.79 17.48 4.94
CA GLN B 158 -4.65 17.20 5.83
C GLN B 158 -4.33 18.41 6.71
N PRO B 159 -5.14 18.63 7.77
CA PRO B 159 -4.99 19.86 8.57
C PRO B 159 -3.63 19.94 9.29
N GLU B 160 -3.05 18.82 9.62
CA GLU B 160 -1.76 18.83 10.26
C GLU B 160 -0.71 19.43 9.31
N ILE B 161 -0.80 19.10 8.02
CA ILE B 161 0.14 19.68 7.07
C ILE B 161 -0.17 21.15 6.81
N VAL B 162 -1.45 21.49 6.80
CA VAL B 162 -1.82 22.88 6.69
C VAL B 162 -1.14 23.68 7.79
N GLN B 163 -1.20 23.16 9.02
CA GLN B 163 -0.60 23.85 10.15
C GLN B 163 0.91 23.97 9.98
N LEU B 164 1.56 22.89 9.52
CA LEU B 164 3.00 22.94 9.25
C LEU B 164 3.28 24.11 8.29
N LEU B 165 2.50 24.19 7.21
CA LEU B 165 2.75 25.26 6.24
C LEU B 165 2.46 26.64 6.83
N MET B 166 1.36 26.77 7.57
CA MET B 166 1.02 28.07 8.12
C MET B 166 2.00 28.51 9.20
N GLU B 167 2.70 27.54 9.79
CA GLU B 167 3.70 27.83 10.80
C GLU B 167 5.01 28.32 10.19
N ASN B 168 5.17 28.19 8.87
CA ASN B 168 6.37 28.73 8.23
C ASN B 168 6.17 30.19 7.81
N GLU B 169 7.08 31.08 8.20
CA GLU B 169 6.85 32.48 7.92
C GLU B 169 6.92 32.91 6.45
N GLN B 170 7.41 32.04 5.58
CA GLN B 170 7.48 32.36 4.17
C GLN B 170 6.20 32.00 3.42
N THR B 171 5.34 31.17 4.01
CA THR B 171 4.14 30.73 3.32
C THR B 171 3.24 31.94 3.05
N ASP B 172 2.86 32.13 1.78
CA ASP B 172 2.04 33.28 1.39
C ASP B 172 0.59 32.84 1.48
N ILE B 173 -0.03 33.10 2.63
CA ILE B 173 -1.42 32.66 2.86
C ILE B 173 -2.38 33.25 1.84
N THR B 174 -2.09 34.45 1.37
CA THR B 174 -3.08 35.13 0.55
C THR B 174 -2.75 35.05 -0.93
N SER B 175 -1.88 34.11 -1.26
CA SER B 175 -1.51 33.83 -2.64
C SER B 175 -2.69 33.50 -3.58
N GLN B 176 -2.66 34.05 -4.80
CA GLN B 176 -3.63 33.68 -5.84
C GLN B 176 -3.02 32.87 -6.98
N ASP B 177 -3.70 31.84 -7.45
CA ASP B 177 -3.11 30.97 -8.49
C ASP B 177 -3.42 31.47 -9.92
N SER B 178 -3.28 30.57 -10.89
CA SER B 178 -3.45 30.95 -12.29
C SER B 178 -4.89 31.31 -12.59
N ARG B 179 -5.83 30.86 -11.77
CA ARG B 179 -7.21 31.29 -11.95
C ARG B 179 -7.53 32.52 -11.09
N GLY B 180 -6.56 33.04 -10.34
CA GLY B 180 -6.84 34.14 -9.42
C GLY B 180 -7.47 33.63 -8.11
N ASN B 181 -7.50 32.31 -7.96
CA ASN B 181 -8.07 31.66 -6.78
C ASN B 181 -7.11 31.60 -5.60
N ASN B 182 -7.56 32.03 -4.43
CA ASN B 182 -6.80 31.76 -3.19
C ASN B 182 -7.23 30.43 -2.58
N ILE B 183 -6.68 30.11 -1.42
CA ILE B 183 -6.96 28.84 -0.80
C ILE B 183 -8.47 28.64 -0.49
N LEU B 184 -9.17 29.73 -0.16
CA LEU B 184 -10.61 29.63 0.10
C LEU B 184 -11.38 29.35 -1.20
N HIS B 185 -11.03 30.04 -2.29
CA HIS B 185 -11.65 29.66 -3.57
C HIS B 185 -11.40 28.19 -3.86
N ALA B 186 -10.20 27.72 -3.55
CA ALA B 186 -9.84 26.35 -3.89
C ALA B 186 -10.70 25.38 -3.11
N LEU B 187 -10.86 25.66 -1.83
CA LEU B 187 -11.74 24.83 -0.98
C LEU B 187 -13.16 24.79 -1.54
N VAL B 188 -13.71 25.94 -1.95
CA VAL B 188 -15.05 25.96 -2.55
C VAL B 188 -15.12 25.06 -3.81
N THR B 189 -14.06 25.03 -4.63
CA THR B 189 -14.13 24.27 -5.88
C THR B 189 -14.15 22.78 -5.54
N VAL B 190 -13.54 22.43 -4.41
CA VAL B 190 -13.52 21.07 -3.92
C VAL B 190 -14.78 20.62 -3.17
N ALA B 191 -15.51 21.54 -2.55
CA ALA B 191 -16.62 21.15 -1.68
C ALA B 191 -17.72 20.46 -2.49
N GLU B 192 -18.57 19.72 -1.79
CA GLU B 192 -19.86 19.36 -2.38
C GLU B 192 -20.99 19.26 -1.36
N ASP B 193 -22.20 19.08 -1.90
CA ASP B 193 -23.43 19.33 -1.18
C ASP B 193 -24.18 18.04 -0.88
N PHE B 194 -23.77 17.34 0.18
CA PHE B 194 -24.44 16.09 0.61
C PHE B 194 -23.77 15.34 1.76
N LYS B 195 -22.46 15.18 1.65
CA LYS B 195 -21.78 13.98 2.10
C LYS B 195 -21.79 13.78 3.62
N THR B 196 -21.66 12.51 4.02
CA THR B 196 -21.37 12.19 5.41
C THR B 196 -19.94 12.68 5.59
N GLN B 197 -19.06 12.19 4.72
CA GLN B 197 -17.73 12.75 4.59
C GLN B 197 -17.81 14.15 3.94
N ASN B 198 -16.75 14.56 3.25
CA ASN B 198 -16.48 15.97 3.05
C ASN B 198 -16.58 16.52 4.47
N ASP B 199 -17.56 17.38 4.74
CA ASP B 199 -17.64 18.06 6.04
C ASP B 199 -16.30 18.75 6.43
N PHE B 200 -15.19 18.18 5.96
CA PHE B 200 -13.90 18.69 6.27
C PHE B 200 -13.74 20.07 5.65
N VAL B 201 -14.37 20.32 4.49
CA VAL B 201 -14.17 21.62 3.83
C VAL B 201 -14.55 22.79 4.76
N LYS B 202 -15.74 22.71 5.37
CA LYS B 202 -16.19 23.74 6.29
C LYS B 202 -15.19 23.91 7.45
N ARG B 203 -14.75 22.81 8.05
CA ARG B 203 -13.80 22.89 9.16
C ARG B 203 -12.48 23.48 8.74
N MET B 204 -12.00 23.07 7.57
CA MET B 204 -10.73 23.55 7.05
C MET B 204 -10.81 25.05 6.71
N TYR B 205 -11.92 25.47 6.12
CA TYR B 205 -12.14 26.88 5.79
C TYR B 205 -12.10 27.66 7.11
N ASP B 206 -12.79 27.12 8.11
CA ASP B 206 -12.88 27.79 9.42
C ASP B 206 -11.50 27.90 10.08
N MET B 207 -10.77 26.79 10.08
CA MET B 207 -9.45 26.68 10.73
C MET B 207 -8.43 27.65 10.10
N ILE B 208 -8.41 27.73 8.78
CA ILE B 208 -7.45 28.61 8.11
C ILE B 208 -7.67 30.09 8.47
N LEU B 209 -8.93 30.53 8.43
CA LEU B 209 -9.23 31.91 8.75
C LEU B 209 -8.92 32.19 10.20
N LEU B 210 -9.34 31.30 11.09
CA LEU B 210 -9.12 31.59 12.50
C LEU B 210 -7.64 31.63 12.88
N ARG B 211 -6.85 30.73 12.32
CA ARG B 211 -5.44 30.66 12.68
C ARG B 211 -4.64 31.78 12.06
N SER B 212 -5.07 32.21 10.87
CA SER B 212 -4.26 33.16 10.11
C SER B 212 -4.68 34.60 10.38
N GLY B 213 -5.97 34.85 10.57
CA GLY B 213 -6.38 36.22 10.78
C GLY B 213 -6.38 37.02 9.48
N ASN B 214 -6.23 36.32 8.36
CA ASN B 214 -6.18 36.97 7.06
C ASN B 214 -7.57 37.12 6.45
N TRP B 215 -8.32 38.11 6.93
CA TRP B 215 -9.72 38.25 6.54
C TRP B 215 -9.86 38.61 5.08
N GLU B 216 -8.83 39.25 4.53
CA GLU B 216 -8.88 39.66 3.12
C GLU B 216 -9.10 38.47 2.20
N LEU B 217 -8.78 37.25 2.67
CA LEU B 217 -9.04 36.06 1.85
C LEU B 217 -10.50 36.04 1.45
N GLU B 218 -11.38 36.43 2.38
CA GLU B 218 -12.80 36.27 2.12
C GLU B 218 -13.32 37.32 1.16
N THR B 219 -12.57 38.40 0.94
CA THR B 219 -13.09 39.46 0.07
C THR B 219 -12.33 39.54 -1.25
N MET B 220 -11.41 38.60 -1.48
CA MET B 220 -10.57 38.67 -2.66
C MET B 220 -11.24 38.07 -3.88
N ARG B 221 -11.12 38.73 -5.02
CA ARG B 221 -11.77 38.24 -6.24
C ARG B 221 -10.79 37.46 -7.11
N ASN B 222 -11.24 36.34 -7.66
CA ASN B 222 -10.42 35.62 -8.63
C ASN B 222 -10.52 36.25 -10.03
N ASN B 223 -10.02 35.58 -11.07
CA ASN B 223 -9.95 36.22 -12.39
C ASN B 223 -11.32 36.40 -13.05
N ASP B 224 -12.35 35.77 -12.49
CA ASP B 224 -13.72 35.95 -12.95
C ASP B 224 -14.49 36.97 -12.12
N GLY B 225 -13.80 37.59 -11.16
CA GLY B 225 -14.34 38.69 -10.40
C GLY B 225 -15.08 38.13 -9.20
N LEU B 226 -14.78 36.90 -8.78
CA LEU B 226 -15.59 36.27 -7.74
C LEU B 226 -14.82 36.09 -6.44
N THR B 227 -15.44 36.53 -5.32
CA THR B 227 -14.98 36.19 -3.98
C THR B 227 -15.31 34.71 -3.75
N PRO B 228 -14.79 34.11 -2.67
CA PRO B 228 -15.13 32.68 -2.46
C PRO B 228 -16.63 32.44 -2.33
N LEU B 229 -17.31 33.33 -1.62
CA LEU B 229 -18.77 33.20 -1.55
C LEU B 229 -19.42 33.29 -2.94
N GLN B 230 -18.98 34.22 -3.77
CA GLN B 230 -19.61 34.34 -5.09
C GLN B 230 -19.32 33.13 -6.00
N LEU B 231 -18.21 32.46 -5.73
CA LEU B 231 -17.83 31.26 -6.48
C LEU B 231 -18.74 30.09 -6.05
N ALA B 232 -18.99 29.99 -4.75
CA ALA B 232 -19.96 29.01 -4.24
C ALA B 232 -21.30 29.19 -4.94
N ALA B 233 -21.76 30.45 -5.05
CA ALA B 233 -22.99 30.76 -5.77
C ALA B 233 -22.91 30.31 -7.22
N LYS B 234 -21.78 30.63 -7.86
CA LYS B 234 -21.61 30.36 -9.30
C LYS B 234 -21.60 28.84 -9.52
N MET B 235 -21.01 28.12 -8.60
CA MET B 235 -20.98 26.67 -8.75
C MET B 235 -22.27 26.03 -8.23
N GLY B 236 -23.17 26.84 -7.68
CA GLY B 236 -24.43 26.29 -7.23
C GLY B 236 -24.28 25.39 -6.00
N LYS B 237 -23.26 25.65 -5.20
CA LYS B 237 -23.06 24.88 -3.98
C LYS B 237 -23.72 25.59 -2.80
N ALA B 238 -25.01 25.32 -2.62
CA ALA B 238 -25.84 26.01 -1.65
C ALA B 238 -25.39 25.74 -0.23
N GLU B 239 -24.91 24.53 0.03
CA GLU B 239 -24.51 24.22 1.41
C GLU B 239 -23.25 24.98 1.84
N ILE B 240 -22.24 25.07 0.98
CA ILE B 240 -21.02 25.73 1.41
C ILE B 240 -21.35 27.22 1.35
N LEU B 241 -22.21 27.65 0.42
CA LEU B 241 -22.68 29.04 0.42
C LEU B 241 -23.31 29.40 1.80
N LYS B 242 -24.22 28.55 2.28
CA LYS B 242 -24.85 28.80 3.58
C LYS B 242 -23.83 28.75 4.70
N TYR B 243 -22.85 27.85 4.61
CA TYR B 243 -21.80 27.78 5.63
C TYR B 243 -21.05 29.10 5.68
N ILE B 244 -20.66 29.58 4.52
CA ILE B 244 -19.89 30.81 4.44
C ILE B 244 -20.69 31.99 4.98
N LEU B 245 -21.97 32.07 4.63
CA LEU B 245 -22.81 33.10 5.16
C LEU B 245 -22.90 33.01 6.71
N SER B 246 -23.01 31.77 7.22
CA SER B 246 -23.16 31.58 8.66
C SER B 246 -21.97 32.17 9.47
N ARG B 247 -20.83 32.39 8.84
CA ARG B 247 -19.68 32.95 9.56
C ARG B 247 -19.94 34.38 10.01
N GLU B 248 -20.93 35.05 9.39
CA GLU B 248 -21.26 36.41 9.74
C GLU B 248 -21.92 36.51 11.10
N ILE B 249 -22.40 35.40 11.64
CA ILE B 249 -23.06 35.49 12.95
C ILE B 249 -22.43 34.52 13.95
N LYS B 250 -21.15 34.23 13.79
CA LYS B 250 -20.40 33.36 14.73
C LYS B 250 -20.55 33.65 16.21
N GLU B 251 -20.32 34.91 16.61
CA GLU B 251 -20.39 35.24 18.05
C GLU B 251 -21.84 35.24 18.58
N HIS B 252 -22.78 34.86 17.72
CA HIS B 252 -24.20 34.90 18.06
C HIS B 252 -24.72 33.53 18.49
N HIS B 253 -25.45 33.46 19.60
CA HIS B 253 -25.93 32.15 20.06
C HIS B 253 -27.45 31.90 20.21
N HIS B 254 -27.87 30.79 19.58
CA HIS B 254 -29.12 30.06 19.86
C HIS B 254 -30.29 30.40 18.89
#